data_7WP2
#
_entry.id   7WP2
#
_cell.length_a   1.00
_cell.length_b   1.00
_cell.length_c   1.00
_cell.angle_alpha   90.00
_cell.angle_beta   90.00
_cell.angle_gamma   90.00
#
_symmetry.space_group_name_H-M   'P 1'
#
loop_
_entity.id
_entity.type
_entity.pdbx_description
1 polymer 'VacW-209 light chain'
2 polymer 'VacW-209 heavy chain'
3 polymer 'Spike protein S1'
4 branched 2-acetamido-2-deoxy-beta-D-glucopyranose-(1-4)-2-acetamido-2-deoxy-beta-D-glucopyranose
#
loop_
_entity_poly.entity_id
_entity_poly.type
_entity_poly.pdbx_seq_one_letter_code
_entity_poly.pdbx_strand_id
1 'polypeptide(L)'
;QSVLTQPPSVSGAPGQRVTISCTGSSSNIGAGYDVHWYQQLPGTAPKLLIYGNSNRPSGVPDRFSGSKSGTSASLAITGL
QAEDEADYYCQSYDSSLSGWVFGGGTKLTVL
;
L
2 'polypeptide(L)'
;QVQLVESGGGVVQPGRSLRLSCAASGFTFSSIAMHWVRQAPGKGLEWVAVMSFDGSIKYYGDSVKGRFTISRDNSKSTLY
LQMNSLRAEDTAVYYCARGVQGYYDRSGYYNLDYNYGMDVWGQGTTVTVSS
;
H
3 'polypeptide(L)'
;TNLCPFGEVFNATRFASVYAWNRKRISNCVADYSVLYNSASFSTFKCYGVSPTKLNDLCFTNVYADSFVIRGDEVRQIAP
GQTGKIADYNYKLPDDFTGCVIAWNSNNLDSKVGGNHNYLYRLFRKSNLKPFERDISTEIYQAGSTPCNGVKGFNCYFPL
QSYGFQPTYGVGYQPYRVVVLSFELLHAP
;
F
#
loop_
_chem_comp.id
_chem_comp.type
_chem_comp.name
_chem_comp.formula
NAG D-saccharide, beta linking 2-acetamido-2-deoxy-beta-D-glucopyranose 'C8 H15 N O6'
#
# COMPACT_ATOMS: atom_id res chain seq x y z
N VAL A 3 8.66 6.61 17.31
CA VAL A 3 10.07 6.59 16.96
C VAL A 3 10.56 5.16 16.81
N LEU A 4 11.08 4.85 15.62
CA LEU A 4 11.60 3.54 15.29
C LEU A 4 13.12 3.61 15.25
N THR A 5 13.78 2.68 15.92
CA THR A 5 15.24 2.67 16.00
C THR A 5 15.83 2.17 14.70
N GLN A 6 16.65 3.00 14.05
CA GLN A 6 17.21 2.73 12.75
C GLN A 6 18.66 3.19 12.75
N PRO A 7 19.57 2.44 12.11
CA PRO A 7 20.99 2.79 12.18
C PRO A 7 21.29 4.03 11.37
N PRO A 8 22.35 4.77 11.72
CA PRO A 8 22.61 6.06 11.07
C PRO A 8 23.18 5.97 9.66
N SER A 9 24.03 4.98 9.38
CA SER A 9 24.59 4.85 8.04
C SER A 9 25.04 3.42 7.81
N VAL A 10 24.80 2.92 6.60
CA VAL A 10 25.26 1.59 6.18
C VAL A 10 26.13 1.77 4.96
N SER A 11 27.06 0.83 4.79
CA SER A 11 28.10 0.94 3.77
C SER A 11 28.19 -0.34 2.97
N GLY A 12 28.46 -0.21 1.68
CA GLY A 12 28.61 -1.37 0.82
C GLY A 12 29.28 -1.07 -0.51
N ALA A 13 30.26 -1.89 -0.88
CA ALA A 13 30.87 -1.81 -2.19
C ALA A 13 29.89 -2.32 -3.24
N PRO A 14 30.05 -1.92 -4.51
CA PRO A 14 29.14 -2.40 -5.56
C PRO A 14 29.19 -3.91 -5.75
N GLY A 15 28.02 -4.49 -6.02
CA GLY A 15 27.86 -5.91 -6.13
C GLY A 15 27.53 -6.62 -4.84
N GLN A 16 27.79 -5.98 -3.69
CA GLN A 16 27.57 -6.62 -2.41
C GLN A 16 26.10 -6.51 -2.01
N ARG A 17 25.78 -6.86 -0.76
CA ARG A 17 24.40 -6.94 -0.29
C ARG A 17 24.32 -6.28 1.08
N VAL A 18 23.61 -5.16 1.14
CA VAL A 18 23.54 -4.31 2.33
C VAL A 18 22.15 -4.42 2.93
N THR A 19 22.08 -4.63 4.24
CA THR A 19 20.82 -4.79 4.94
C THR A 19 20.58 -3.60 5.86
N ILE A 20 19.51 -2.86 5.60
CA ILE A 20 19.12 -1.72 6.41
C ILE A 20 18.10 -2.22 7.43
N SER A 21 18.53 -2.40 8.67
CA SER A 21 17.60 -2.89 9.67
C SER A 21 16.72 -1.77 10.19
N CYS A 22 15.71 -2.15 10.96
CA CYS A 22 14.82 -1.20 11.64
C CYS A 22 14.14 -1.91 12.78
N THR A 23 14.36 -1.43 14.00
CA THR A 23 13.75 -2.00 15.20
C THR A 23 12.71 -1.03 15.73
N GLY A 24 11.49 -1.52 15.92
CA GLY A 24 10.41 -0.73 16.48
C GLY A 24 10.00 -1.26 17.83
N SER A 25 8.99 -0.62 18.40
CA SER A 25 8.50 -0.99 19.71
C SER A 25 7.43 -2.07 19.60
N SER A 26 6.86 -2.44 20.75
CA SER A 26 5.81 -3.44 20.79
C SER A 26 4.44 -2.87 20.41
N SER A 27 4.31 -1.55 20.35
CA SER A 27 3.09 -0.92 19.88
C SER A 27 3.23 -0.32 18.49
N ASN A 28 4.44 -0.31 17.92
CA ASN A 28 4.66 0.31 16.63
C ASN A 28 4.60 -0.72 15.51
N ILE A 29 5.45 -1.73 15.57
CA ILE A 29 5.40 -2.83 14.63
C ILE A 29 4.77 -4.08 15.23
N GLY A 30 5.05 -4.39 16.50
CA GLY A 30 4.51 -5.57 17.14
C GLY A 30 3.03 -5.51 17.43
N ALA A 31 2.41 -4.33 17.28
CA ALA A 31 0.96 -4.26 17.34
C ALA A 31 0.32 -4.90 16.11
N GLY A 32 1.02 -4.91 14.99
CA GLY A 32 0.53 -5.62 13.83
C GLY A 32 0.24 -4.72 12.66
N TYR A 33 0.97 -3.62 12.54
CA TYR A 33 0.83 -2.71 11.42
C TYR A 33 2.06 -2.80 10.52
N ASP A 34 1.84 -2.65 9.23
CA ASP A 34 2.87 -2.94 8.24
C ASP A 34 3.96 -1.87 8.21
N VAL A 35 5.15 -2.27 7.78
CA VAL A 35 6.31 -1.40 7.70
C VAL A 35 6.60 -1.14 6.23
N HIS A 36 6.70 0.14 5.87
CA HIS A 36 7.03 0.54 4.52
C HIS A 36 8.35 1.29 4.51
N TRP A 37 8.95 1.39 3.33
CA TRP A 37 10.26 2.00 3.18
C TRP A 37 10.22 3.04 2.08
N TYR A 38 11.03 4.07 2.22
CA TYR A 38 11.02 5.19 1.29
C TYR A 38 12.42 5.45 0.78
N GLN A 39 12.55 5.82 -0.49
CA GLN A 39 13.82 6.22 -1.07
C GLN A 39 13.78 7.74 -1.27
N GLN A 40 14.50 8.47 -0.43
CA GLN A 40 14.59 9.91 -0.56
C GLN A 40 15.97 10.26 -1.06
N LEU A 41 16.09 10.56 -2.35
CA LEU A 41 17.29 11.15 -2.87
C LEU A 41 17.47 12.54 -2.26
N PRO A 42 18.71 13.03 -2.13
CA PRO A 42 18.91 14.38 -1.59
C PRO A 42 18.43 15.43 -2.60
N GLY A 43 17.50 16.27 -2.14
CA GLY A 43 16.91 17.27 -3.00
C GLY A 43 15.69 16.82 -3.78
N THR A 44 15.02 15.76 -3.34
CA THR A 44 13.86 15.24 -4.04
C THR A 44 12.92 14.68 -3.00
N ALA A 45 11.61 14.82 -3.24
CA ALA A 45 10.60 14.21 -2.39
C ALA A 45 10.73 12.69 -2.42
N PRO A 46 10.47 12.01 -1.31
CA PRO A 46 10.66 10.56 -1.27
C PRO A 46 9.64 9.82 -2.11
N LYS A 47 9.99 8.60 -2.48
CA LYS A 47 9.07 7.72 -3.18
C LYS A 47 8.96 6.41 -2.41
N LEU A 48 7.77 5.84 -2.42
CA LEU A 48 7.47 4.62 -1.68
C LEU A 48 8.21 3.45 -2.32
N LEU A 49 9.14 2.87 -1.58
CA LEU A 49 10.00 1.82 -2.13
C LEU A 49 9.33 0.46 -2.04
N ILE A 50 8.80 0.13 -0.86
CA ILE A 50 8.11 -1.13 -0.59
C ILE A 50 6.95 -0.81 0.34
N TYR A 51 5.74 -1.30 0.03
CA TYR A 51 4.63 -1.17 0.96
C TYR A 51 4.15 -2.54 1.38
N GLY A 52 3.50 -2.60 2.54
CA GLY A 52 2.92 -3.83 3.03
C GLY A 52 3.91 -4.91 3.36
N ASN A 53 5.16 -4.54 3.65
CA ASN A 53 6.31 -5.34 4.08
C ASN A 53 6.91 -6.21 2.98
N SER A 54 6.22 -6.39 1.86
CA SER A 54 6.84 -7.11 0.75
C SER A 54 6.48 -6.61 -0.63
N ASN A 55 5.44 -5.80 -0.80
CA ASN A 55 4.93 -5.51 -2.13
C ASN A 55 5.76 -4.42 -2.78
N ARG A 56 6.47 -4.78 -3.77
CA ARG A 56 7.16 -3.73 -4.49
C ARG A 56 6.26 -3.15 -5.56
N PRO A 57 6.12 -1.83 -5.63
CA PRO A 57 5.25 -1.23 -6.65
C PRO A 57 5.82 -1.37 -8.05
N SER A 58 5.07 -0.84 -9.02
CA SER A 58 5.54 -0.78 -10.38
C SER A 58 6.57 0.34 -10.49
N GLY A 59 7.82 -0.03 -10.75
CA GLY A 59 8.84 0.97 -10.97
C GLY A 59 10.13 0.68 -10.26
N VAL A 60 10.07 0.07 -9.08
CA VAL A 60 11.29 -0.28 -8.37
C VAL A 60 11.82 -1.58 -8.97
N PRO A 61 13.12 -1.75 -9.09
CA PRO A 61 13.67 -2.98 -9.66
C PRO A 61 13.62 -4.10 -8.64
N ASP A 62 14.11 -5.28 -9.06
CA ASP A 62 13.99 -6.49 -8.27
C ASP A 62 15.17 -6.67 -7.32
N ARG A 63 15.79 -5.58 -6.88
CA ARG A 63 16.91 -5.65 -5.96
C ARG A 63 16.51 -5.35 -4.52
N PHE A 64 15.38 -4.68 -4.30
CA PHE A 64 14.92 -4.31 -2.97
C PHE A 64 13.95 -5.38 -2.48
N SER A 65 14.38 -6.17 -1.50
CA SER A 65 13.58 -7.32 -1.08
C SER A 65 12.51 -6.94 -0.08
N GLY A 66 12.90 -6.48 1.11
CA GLY A 66 11.94 -6.15 2.15
C GLY A 66 11.49 -7.34 2.99
N SER A 67 11.28 -7.12 4.27
CA SER A 67 10.95 -8.20 5.20
C SER A 67 10.29 -7.63 6.44
N LYS A 68 9.86 -8.53 7.33
CA LYS A 68 9.29 -8.17 8.62
C LYS A 68 9.33 -9.41 9.50
N SER A 69 9.75 -9.25 10.76
CA SER A 69 9.92 -10.38 11.67
C SER A 69 9.60 -9.93 13.09
N GLY A 70 8.36 -10.13 13.52
CA GLY A 70 7.99 -9.82 14.88
C GLY A 70 7.79 -8.34 15.12
N THR A 71 8.75 -7.71 15.79
CA THR A 71 8.69 -6.28 16.09
C THR A 71 9.83 -5.51 15.44
N SER A 72 10.54 -6.12 14.47
CA SER A 72 11.72 -5.49 13.87
C SER A 72 11.78 -5.90 12.41
N ALA A 73 11.46 -4.98 11.51
CA ALA A 73 11.51 -5.24 10.09
C ALA A 73 12.93 -5.04 9.57
N SER A 74 13.09 -5.16 8.24
CA SER A 74 14.39 -5.03 7.60
C SER A 74 14.21 -4.78 6.12
N LEU A 75 15.33 -4.70 5.41
CA LEU A 75 15.39 -4.51 3.97
C LEU A 75 16.70 -5.09 3.47
N ALA A 76 16.82 -5.31 2.17
CA ALA A 76 18.05 -5.84 1.62
C ALA A 76 18.20 -5.38 0.18
N ILE A 77 19.38 -4.87 -0.16
CA ILE A 77 19.69 -4.41 -1.51
C ILE A 77 20.83 -5.27 -2.04
N THR A 78 20.54 -6.10 -3.05
CA THR A 78 21.57 -6.92 -3.67
C THR A 78 22.01 -6.30 -4.98
N GLY A 79 23.32 -6.30 -5.21
CA GLY A 79 23.86 -5.73 -6.43
C GLY A 79 23.70 -4.23 -6.51
N LEU A 80 24.01 -3.53 -5.42
CA LEU A 80 23.78 -2.09 -5.36
C LEU A 80 24.79 -1.35 -6.22
N GLN A 81 24.31 -0.31 -6.89
CA GLN A 81 25.05 0.41 -7.91
C GLN A 81 25.38 1.82 -7.43
N ALA A 82 25.93 2.63 -8.33
CA ALA A 82 26.44 3.94 -7.95
C ALA A 82 25.36 5.01 -7.86
N GLU A 83 24.07 4.67 -7.99
CA GLU A 83 23.04 5.67 -7.84
C GLU A 83 22.34 5.61 -6.48
N ASP A 84 22.48 4.52 -5.73
CA ASP A 84 21.82 4.39 -4.44
C ASP A 84 22.61 5.17 -3.40
N GLU A 85 22.48 6.49 -3.47
CA GLU A 85 23.06 7.39 -2.48
C GLU A 85 21.97 7.89 -1.53
N ALA A 86 20.74 7.45 -1.73
CA ALA A 86 19.61 8.04 -1.05
C ALA A 86 19.52 7.58 0.40
N ASP A 87 18.64 8.25 1.14
CA ASP A 87 18.29 7.84 2.49
C ASP A 87 17.15 6.83 2.42
N TYR A 88 16.93 6.13 3.53
CA TYR A 88 15.93 5.06 3.54
C TYR A 88 15.24 5.04 4.91
N TYR A 89 14.08 5.67 4.98
CA TYR A 89 13.30 5.76 6.21
C TYR A 89 12.34 4.58 6.32
N CYS A 90 11.58 4.57 7.41
CA CYS A 90 10.52 3.59 7.62
C CYS A 90 9.20 4.31 7.87
N GLN A 91 8.15 3.52 8.01
CA GLN A 91 6.83 4.06 8.32
C GLN A 91 6.00 2.96 8.92
N SER A 92 5.17 3.31 9.90
CA SER A 92 4.27 2.36 10.52
C SER A 92 3.14 3.15 11.18
N TYR A 93 2.37 2.46 12.01
CA TYR A 93 1.29 3.07 12.77
C TYR A 93 1.53 2.79 14.25
N ASP A 94 1.09 3.70 15.11
CA ASP A 94 1.14 3.51 16.55
C ASP A 94 -0.22 3.82 17.14
N SER A 95 -0.89 2.79 17.66
CA SER A 95 -2.21 2.97 18.23
C SER A 95 -2.17 3.68 19.57
N SER A 96 -1.06 3.57 20.30
CA SER A 96 -0.92 4.30 21.56
C SER A 96 -0.72 5.79 21.32
N LEU A 97 -0.21 6.18 20.15
CA LEU A 97 -0.08 7.57 19.78
C LEU A 97 -1.17 8.04 18.82
N SER A 98 -1.95 7.11 18.26
CA SER A 98 -3.01 7.37 17.28
C SER A 98 -2.48 8.10 16.06
N GLY A 99 -1.26 7.78 15.66
CA GLY A 99 -0.62 8.49 14.57
C GLY A 99 0.25 7.58 13.73
N TRP A 100 0.87 8.17 12.72
CA TRP A 100 1.78 7.49 11.81
C TRP A 100 3.19 7.86 12.22
N VAL A 101 4.03 6.85 12.43
CA VAL A 101 5.41 7.11 12.83
C VAL A 101 6.32 6.96 11.62
N PHE A 102 7.53 7.49 11.74
CA PHE A 102 8.55 7.30 10.72
C PHE A 102 9.81 6.76 11.38
N GLY A 103 10.82 6.48 10.56
CA GLY A 103 12.06 5.97 11.08
C GLY A 103 13.00 7.08 11.49
N GLY A 104 14.30 6.90 11.29
CA GLY A 104 15.23 7.96 11.62
C GLY A 104 16.10 8.39 10.47
N GLY A 105 16.32 7.50 9.51
CA GLY A 105 17.22 7.82 8.42
C GLY A 105 18.48 6.97 8.40
N THR A 106 18.78 6.36 7.25
CA THR A 106 19.96 5.54 7.08
C THR A 106 20.65 5.94 5.79
N LYS A 107 21.69 6.74 5.90
CA LYS A 107 22.43 7.25 4.74
C LYS A 107 23.23 6.10 4.14
N LEU A 108 22.69 5.51 3.07
CA LEU A 108 23.38 4.42 2.39
C LEU A 108 24.39 5.01 1.42
N THR A 109 25.66 4.72 1.64
CA THR A 109 26.73 5.24 0.78
C THR A 109 27.41 4.10 0.05
N VAL A 110 27.76 4.34 -1.20
CA VAL A 110 28.38 3.34 -2.05
C VAL A 110 29.85 3.72 -2.24
N LEU A 111 30.73 2.78 -1.93
CA LEU A 111 32.16 3.04 -1.89
C LEU A 111 32.77 3.11 -3.28
N GLN B 1 -1.45 11.91 -15.77
CA GLN B 1 -0.24 12.47 -15.18
C GLN B 1 -0.50 12.99 -13.78
N VAL B 2 -0.31 12.13 -12.78
CA VAL B 2 -0.58 12.49 -11.40
C VAL B 2 0.49 13.47 -10.92
N GLN B 3 0.06 14.51 -10.20
CA GLN B 3 0.98 15.47 -9.61
C GLN B 3 0.31 16.11 -8.41
N LEU B 4 1.12 16.79 -7.61
CA LEU B 4 0.66 17.46 -6.39
C LEU B 4 1.54 18.69 -6.18
N VAL B 5 1.07 19.86 -6.59
CA VAL B 5 1.80 21.10 -6.39
C VAL B 5 1.21 21.82 -5.18
N GLU B 6 2.08 22.26 -4.28
CA GLU B 6 1.64 22.92 -3.05
C GLU B 6 2.34 24.26 -2.89
N SER B 7 1.62 25.20 -2.29
CA SER B 7 2.09 26.57 -2.18
C SER B 7 1.90 27.09 -0.76
N GLY B 8 2.56 28.20 -0.46
CA GLY B 8 2.47 28.82 0.84
C GLY B 8 3.80 29.00 1.54
N GLY B 9 4.88 29.07 0.76
CA GLY B 9 6.20 29.22 1.34
C GLY B 9 6.46 30.64 1.83
N GLY B 10 7.58 30.80 2.50
CA GLY B 10 8.01 32.12 2.96
C GLY B 10 8.66 32.03 4.32
N VAL B 11 9.14 33.17 4.79
CA VAL B 11 9.75 33.30 6.10
C VAL B 11 8.84 34.15 6.97
N VAL B 12 8.44 33.62 8.12
CA VAL B 12 7.51 34.30 9.01
C VAL B 12 8.14 34.42 10.40
N GLN B 13 7.42 35.03 11.28
CA GLN B 13 7.86 35.30 12.64
C GLN B 13 7.24 34.29 13.60
N PRO B 14 7.89 34.03 14.75
CA PRO B 14 7.25 33.19 15.77
C PRO B 14 6.07 33.90 16.42
N GLY B 15 4.93 33.24 16.43
CA GLY B 15 3.74 33.76 17.08
C GLY B 15 2.62 34.19 16.15
N ARG B 16 2.71 33.87 14.85
CA ARG B 16 1.65 34.20 13.91
C ARG B 16 1.22 32.94 13.17
N SER B 17 0.46 33.07 12.09
CA SER B 17 -0.10 31.91 11.43
C SER B 17 0.27 31.89 9.94
N LEU B 18 -0.09 30.78 9.30
CA LEU B 18 0.14 30.55 7.88
C LEU B 18 -0.89 29.55 7.38
N ARG B 19 -0.97 29.41 6.06
CA ARG B 19 -1.85 28.45 5.42
C ARG B 19 -1.10 27.79 4.27
N LEU B 20 -1.30 26.49 4.08
CA LEU B 20 -0.62 25.72 3.05
C LEU B 20 -1.64 25.06 2.12
N SER B 21 -1.79 25.61 0.93
CA SER B 21 -2.63 25.01 -0.10
C SER B 21 -1.84 23.95 -0.88
N CYS B 22 -2.56 23.05 -1.54
CA CYS B 22 -1.93 21.92 -2.24
C CYS B 22 -2.88 21.42 -3.32
N ALA B 23 -2.56 21.70 -4.58
CA ALA B 23 -3.42 21.26 -5.67
C ALA B 23 -3.25 19.77 -5.94
N ALA B 24 -4.14 19.21 -6.76
CA ALA B 24 -4.07 17.80 -7.14
C ALA B 24 -4.83 17.61 -8.44
N SER B 25 -4.18 16.99 -9.41
CA SER B 25 -4.79 16.74 -10.71
C SER B 25 -4.46 15.33 -11.15
N GLY B 26 -5.14 14.89 -12.20
CA GLY B 26 -4.87 13.60 -12.80
C GLY B 26 -5.54 12.41 -12.15
N PHE B 27 -6.02 12.54 -10.92
CA PHE B 27 -6.63 11.42 -10.22
C PHE B 27 -7.88 11.92 -9.51
N THR B 28 -8.66 10.97 -8.97
CA THR B 28 -9.88 11.29 -8.25
C THR B 28 -9.49 11.75 -6.84
N PHE B 29 -9.58 13.05 -6.60
CA PHE B 29 -9.25 13.59 -5.28
C PHE B 29 -10.34 13.33 -4.25
N SER B 30 -11.58 13.10 -4.67
CA SER B 30 -12.70 13.01 -3.76
C SER B 30 -12.91 11.61 -3.20
N SER B 31 -11.90 10.75 -3.28
CA SER B 31 -12.00 9.40 -2.75
C SER B 31 -10.80 8.95 -1.94
N ILE B 32 -9.72 9.72 -1.91
CA ILE B 32 -8.45 9.29 -1.34
C ILE B 32 -8.13 10.18 -0.15
N ALA B 33 -7.76 9.55 0.98
CA ALA B 33 -7.29 10.27 2.16
C ALA B 33 -5.98 10.99 1.86
N MET B 34 -5.66 12.01 2.67
CA MET B 34 -4.51 12.85 2.38
C MET B 34 -3.79 13.20 3.67
N HIS B 35 -2.46 13.23 3.59
CA HIS B 35 -1.60 13.48 4.74
C HIS B 35 -0.81 14.77 4.57
N TRP B 36 -0.22 15.22 5.68
CA TRP B 36 0.79 16.27 5.70
C TRP B 36 1.99 15.75 6.46
N VAL B 37 3.18 15.86 5.88
CA VAL B 37 4.41 15.40 6.51
C VAL B 37 5.48 16.47 6.34
N ARG B 38 6.29 16.66 7.37
CA ARG B 38 7.31 17.69 7.38
C ARG B 38 8.67 17.10 7.75
N GLN B 39 9.71 17.84 7.40
CA GLN B 39 11.10 17.35 7.51
C GLN B 39 11.98 18.51 7.94
N ALA B 40 12.49 18.44 9.17
CA ALA B 40 13.43 19.43 9.67
C ALA B 40 14.71 19.40 8.84
N PRO B 41 15.40 20.56 8.66
CA PRO B 41 16.50 20.63 7.69
C PRO B 41 17.70 19.76 8.03
N GLY B 42 17.92 18.74 7.20
CA GLY B 42 18.95 17.76 7.43
C GLY B 42 18.55 16.62 8.33
N LYS B 43 17.42 16.73 9.02
CA LYS B 43 16.98 15.72 9.96
C LYS B 43 16.04 14.73 9.27
N GLY B 44 15.42 13.85 10.06
CA GLY B 44 14.56 12.82 9.53
C GLY B 44 13.20 13.33 9.11
N LEU B 45 12.30 12.39 8.81
CA LEU B 45 10.94 12.72 8.45
C LEU B 45 10.03 12.62 9.66
N GLU B 46 8.95 13.39 9.60
CA GLU B 46 7.97 13.46 10.68
C GLU B 46 6.58 13.55 10.06
N TRP B 47 5.58 13.13 10.82
CA TRP B 47 4.19 13.13 10.37
C TRP B 47 3.39 14.14 11.17
N VAL B 48 2.49 14.85 10.48
CA VAL B 48 1.78 16.00 11.05
C VAL B 48 0.29 15.71 11.23
N ALA B 49 -0.42 15.48 10.13
CA ALA B 49 -1.88 15.39 10.18
C ALA B 49 -2.39 14.50 9.05
N VAL B 50 -3.69 14.24 9.08
CA VAL B 50 -4.37 13.46 8.06
C VAL B 50 -5.83 13.93 7.99
N MET B 51 -6.39 13.93 6.78
CA MET B 51 -7.78 14.30 6.53
C MET B 51 -8.45 13.17 5.77
N SER B 52 -9.65 12.81 6.22
CA SER B 52 -10.27 11.56 5.80
C SER B 52 -10.90 11.68 4.41
N PHE B 53 -11.76 10.70 4.11
CA PHE B 53 -12.43 10.56 2.83
C PHE B 53 -13.23 11.81 2.46
N ASP B 54 -14.09 12.25 3.36
CA ASP B 54 -14.91 13.44 3.13
C ASP B 54 -14.55 14.60 4.05
N GLY B 55 -13.91 14.33 5.18
CA GLY B 55 -13.61 15.37 6.13
C GLY B 55 -14.13 15.10 7.51
N SER B 56 -14.29 13.82 7.85
CA SER B 56 -14.87 13.44 9.13
C SER B 56 -13.83 13.03 10.16
N ILE B 57 -12.74 12.41 9.75
CA ILE B 57 -11.75 11.87 10.68
C ILE B 57 -10.45 12.65 10.51
N LYS B 58 -9.96 13.23 11.61
CA LYS B 58 -8.74 14.02 11.60
C LYS B 58 -7.90 13.62 12.82
N TYR B 59 -6.71 13.06 12.56
CA TYR B 59 -5.77 12.70 13.60
C TYR B 59 -4.49 13.51 13.40
N TYR B 60 -3.98 14.06 14.50
CA TYR B 60 -2.85 14.97 14.45
C TYR B 60 -1.63 14.32 15.07
N GLY B 61 -0.48 14.95 14.83
CA GLY B 61 0.77 14.44 15.35
C GLY B 61 0.93 14.69 16.83
N ASP B 62 2.08 14.26 17.36
CA ASP B 62 2.37 14.43 18.77
C ASP B 62 2.83 15.85 19.09
N SER B 63 3.40 16.56 18.12
CA SER B 63 3.96 17.89 18.37
C SER B 63 3.02 19.02 18.00
N VAL B 64 2.19 18.85 16.98
CA VAL B 64 1.30 19.91 16.51
C VAL B 64 -0.04 19.86 17.23
N LYS B 65 -0.13 19.10 18.33
CA LYS B 65 -1.39 18.83 19.02
C LYS B 65 -1.88 20.09 19.70
N GLY B 66 -2.82 20.78 19.06
CA GLY B 66 -3.36 22.02 19.56
C GLY B 66 -2.96 23.25 18.78
N ARG B 67 -2.08 23.12 17.79
CA ARG B 67 -1.62 24.27 17.03
C ARG B 67 -1.97 24.21 15.56
N PHE B 68 -2.36 23.06 15.04
CA PHE B 68 -2.56 22.89 13.61
C PHE B 68 -4.02 22.56 13.31
N THR B 69 -4.42 22.81 12.07
CA THR B 69 -5.79 22.57 11.63
C THR B 69 -5.78 22.25 10.14
N ILE B 70 -6.34 21.11 9.76
CA ILE B 70 -6.30 20.61 8.39
C ILE B 70 -7.72 20.63 7.82
N SER B 71 -7.85 21.16 6.60
CA SER B 71 -9.12 21.19 5.89
C SER B 71 -8.89 20.72 4.46
N ARG B 72 -9.98 20.54 3.71
CA ARG B 72 -9.87 20.10 2.33
C ARG B 72 -11.03 20.66 1.52
N ASP B 73 -10.88 20.61 0.20
CA ASP B 73 -11.88 21.15 -0.72
C ASP B 73 -11.93 20.26 -1.95
N ASN B 74 -12.99 19.47 -2.07
CA ASN B 74 -13.18 18.60 -3.21
C ASN B 74 -13.75 19.32 -4.42
N SER B 75 -14.00 20.63 -4.33
CA SER B 75 -14.52 21.37 -5.47
C SER B 75 -13.40 21.79 -6.41
N LYS B 76 -12.26 22.20 -5.87
CA LYS B 76 -11.09 22.54 -6.67
C LYS B 76 -9.95 21.55 -6.48
N SER B 77 -10.19 20.45 -5.76
CA SER B 77 -9.22 19.37 -5.50
C SER B 77 -7.98 19.91 -4.79
N THR B 78 -8.18 20.38 -3.57
CA THR B 78 -7.13 21.13 -2.88
C THR B 78 -7.19 20.88 -1.39
N LEU B 79 -6.09 20.42 -0.81
CA LEU B 79 -5.98 20.20 0.63
C LEU B 79 -5.44 21.46 1.30
N TYR B 80 -5.88 21.69 2.55
CA TYR B 80 -5.52 22.88 3.31
C TYR B 80 -4.94 22.49 4.66
N LEU B 81 -3.92 23.22 5.10
CA LEU B 81 -3.39 23.09 6.46
C LEU B 81 -3.26 24.47 7.06
N GLN B 82 -3.77 24.65 8.25
CA GLN B 82 -3.72 25.93 8.97
C GLN B 82 -2.83 25.73 10.19
N MET B 83 -1.66 26.34 10.16
CA MET B 83 -0.72 26.28 11.27
C MET B 83 -0.88 27.56 12.09
N ASN B 84 -1.29 27.40 13.35
CA ASN B 84 -1.59 28.53 14.21
C ASN B 84 -0.54 28.64 15.31
N SER B 85 -0.02 29.86 15.49
CA SER B 85 1.01 30.21 16.47
C SER B 85 2.27 29.37 16.25
N LEU B 86 2.90 29.62 15.11
CA LEU B 86 4.12 28.90 14.73
C LEU B 86 5.24 29.17 15.72
N ARG B 87 5.78 28.10 16.30
CA ARG B 87 6.92 28.20 17.18
C ARG B 87 8.19 28.34 16.35
N ALA B 88 9.33 28.46 17.02
CA ALA B 88 10.61 28.57 16.33
C ALA B 88 11.18 27.21 15.93
N GLU B 89 10.42 26.14 16.13
CA GLU B 89 10.81 24.78 15.80
C GLU B 89 10.02 24.19 14.64
N ASP B 90 8.95 24.87 14.20
CA ASP B 90 8.14 24.39 13.08
C ASP B 90 8.77 24.66 11.72
N THR B 91 10.03 25.04 11.63
CA THR B 91 10.65 25.20 10.33
C THR B 91 10.98 23.82 9.77
N ALA B 92 10.60 23.62 8.50
CA ALA B 92 10.74 22.33 7.84
C ALA B 92 10.59 22.53 6.34
N VAL B 93 10.46 21.41 5.63
CA VAL B 93 9.90 21.38 4.29
C VAL B 93 8.63 20.53 4.38
N TYR B 94 7.50 21.13 4.03
CA TYR B 94 6.20 20.51 4.25
C TYR B 94 5.79 19.77 2.98
N TYR B 95 5.58 18.47 3.11
CA TYR B 95 5.25 17.62 1.98
C TYR B 95 3.77 17.27 2.00
N CYS B 96 3.13 17.43 0.86
CA CYS B 96 1.73 17.09 0.68
C CYS B 96 1.69 15.73 0.01
N ALA B 97 1.28 14.70 0.74
CA ALA B 97 1.40 13.32 0.29
C ALA B 97 0.04 12.68 0.12
N ARG B 98 -0.15 11.99 -1.00
CA ARG B 98 -1.39 11.26 -1.24
C ARG B 98 -1.43 10.02 -0.36
N GLY B 99 -2.51 9.86 0.39
CA GLY B 99 -2.67 8.68 1.21
C GLY B 99 -3.16 7.51 0.40
N VAL B 100 -4.20 6.83 0.87
CA VAL B 100 -4.72 5.68 0.16
C VAL B 100 -6.24 5.84 0.04
N GLN B 101 -6.80 5.23 -1.01
CA GLN B 101 -8.24 5.21 -1.26
C GLN B 101 -9.01 4.40 -0.23
N GLY B 102 -8.32 3.67 0.65
CA GLY B 102 -8.89 2.89 1.72
C GLY B 102 -9.90 3.61 2.57
N TYR B 103 -11.13 3.13 2.50
CA TYR B 103 -12.22 3.63 3.32
C TYR B 103 -13.08 2.44 3.72
N TYR B 104 -12.43 1.41 4.26
CA TYR B 104 -13.15 0.20 4.57
C TYR B 104 -13.95 0.33 5.85
N ASP B 105 -14.74 -0.72 6.12
CA ASP B 105 -15.50 -0.90 7.35
C ASP B 105 -15.95 -2.35 7.41
N ARG B 106 -15.90 -2.94 8.60
CA ARG B 106 -16.66 -4.14 8.88
C ARG B 106 -17.61 -3.84 10.02
N SER B 107 -18.82 -4.41 9.95
CA SER B 107 -19.95 -4.06 10.81
C SER B 107 -20.23 -2.55 10.79
N GLY B 108 -20.20 -1.97 9.59
CA GLY B 108 -20.65 -0.60 9.40
C GLY B 108 -19.64 0.53 9.58
N TYR B 109 -18.94 0.55 10.70
CA TYR B 109 -18.22 1.75 11.14
C TYR B 109 -16.97 1.96 10.30
N TYR B 110 -16.94 3.05 9.53
CA TYR B 110 -15.76 3.40 8.75
C TYR B 110 -14.63 3.87 9.68
N ASN B 111 -13.39 3.72 9.20
CA ASN B 111 -12.23 4.00 10.04
C ASN B 111 -11.02 4.35 9.18
N LEU B 112 -10.07 5.08 9.80
CA LEU B 112 -8.81 5.53 9.17
C LEU B 112 -7.65 5.25 10.14
N ASP B 113 -7.17 4.01 10.17
CA ASP B 113 -6.09 3.58 11.07
C ASP B 113 -5.16 2.58 10.36
N TYR B 114 -4.76 2.90 9.14
CA TYR B 114 -4.46 1.86 8.18
C TYR B 114 -3.04 1.32 8.30
N ASN B 115 -2.69 0.54 7.29
CA ASN B 115 -1.34 0.10 7.00
C ASN B 115 -0.69 0.91 5.89
N TYR B 116 -1.42 1.15 4.80
CA TYR B 116 -0.85 1.58 3.53
C TYR B 116 -0.16 2.94 3.60
N GLY B 117 0.99 3.03 2.93
CA GLY B 117 1.79 4.23 2.96
C GLY B 117 1.34 5.28 1.96
N MET B 118 2.21 6.25 1.75
CA MET B 118 1.92 7.39 0.89
C MET B 118 2.49 7.16 -0.51
N ASP B 119 1.62 7.07 -1.51
CA ASP B 119 2.04 6.64 -2.84
C ASP B 119 2.83 7.72 -3.57
N VAL B 120 2.20 8.84 -3.87
CA VAL B 120 2.86 9.93 -4.57
C VAL B 120 2.96 11.13 -3.64
N TRP B 121 4.04 11.89 -3.80
CA TRP B 121 4.37 12.96 -2.87
C TRP B 121 4.44 14.28 -3.61
N GLY B 122 4.41 15.35 -2.85
CA GLY B 122 4.39 16.68 -3.39
C GLY B 122 5.77 17.18 -3.77
N GLN B 123 5.95 18.49 -3.69
CA GLN B 123 7.22 19.13 -3.98
C GLN B 123 7.83 19.80 -2.77
N GLY B 124 7.03 20.47 -1.96
CA GLY B 124 7.52 21.00 -0.70
C GLY B 124 7.41 22.50 -0.54
N THR B 125 6.74 22.92 0.53
CA THR B 125 6.76 24.31 0.97
C THR B 125 7.75 24.44 2.11
N THR B 126 8.77 25.26 1.94
CA THR B 126 9.82 25.44 2.94
C THR B 126 9.55 26.71 3.75
N VAL B 127 8.69 26.61 4.74
CA VAL B 127 8.42 27.74 5.62
C VAL B 127 9.55 27.80 6.64
N THR B 128 9.87 29.03 7.07
CA THR B 128 10.99 29.25 7.97
C THR B 128 10.57 30.24 9.05
N VAL B 129 10.77 29.87 10.29
CA VAL B 129 10.47 30.73 11.43
C VAL B 129 11.78 31.28 11.96
N SER B 130 11.83 32.59 12.19
CA SER B 130 13.07 33.25 12.58
C SER B 130 12.76 34.62 13.17
N SER B 131 13.76 35.18 13.83
CA SER B 131 13.67 36.52 14.38
C SER B 131 14.95 37.30 14.07
N PRO C 5 -26.76 -18.87 -1.51
CA PRO C 5 -26.17 -18.87 -2.86
C PRO C 5 -24.64 -18.91 -2.86
N PHE C 6 -23.98 -18.36 -1.84
CA PHE C 6 -22.52 -18.39 -1.73
C PHE C 6 -22.02 -19.20 -0.54
N GLY C 7 -22.55 -20.40 -0.37
CA GLY C 7 -21.84 -21.44 0.35
C GLY C 7 -21.08 -22.32 -0.63
N GLU C 8 -20.85 -21.78 -1.83
CA GLU C 8 -20.19 -22.46 -2.92
C GLU C 8 -18.88 -21.82 -3.32
N VAL C 9 -18.65 -20.56 -2.98
CA VAL C 9 -17.43 -19.85 -3.31
C VAL C 9 -16.55 -19.64 -2.09
N PHE C 10 -17.15 -19.36 -0.93
CA PHE C 10 -16.38 -19.17 0.28
C PHE C 10 -15.99 -20.48 0.94
N ASN C 11 -16.43 -21.61 0.40
CA ASN C 11 -16.13 -22.91 0.98
C ASN C 11 -15.71 -23.92 -0.08
N ALA C 12 -15.22 -23.44 -1.22
CA ALA C 12 -14.85 -24.30 -2.33
C ALA C 12 -13.61 -25.11 -1.96
N THR C 13 -13.54 -26.34 -2.47
CA THR C 13 -12.47 -27.25 -2.07
C THR C 13 -11.15 -26.83 -2.69
N ARG C 14 -11.11 -26.69 -4.01
CA ARG C 14 -9.90 -26.35 -4.74
C ARG C 14 -10.02 -24.95 -5.32
N PHE C 15 -9.18 -24.03 -4.83
CA PHE C 15 -9.20 -22.65 -5.26
C PHE C 15 -8.33 -22.49 -6.49
N ALA C 16 -8.52 -21.38 -7.19
CA ALA C 16 -7.82 -21.11 -8.43
C ALA C 16 -6.57 -20.29 -8.18
N SER C 17 -5.55 -20.51 -9.01
CA SER C 17 -4.39 -19.64 -9.02
C SER C 17 -4.76 -18.30 -9.62
N VAL C 18 -3.96 -17.27 -9.28
CA VAL C 18 -4.42 -15.90 -9.47
C VAL C 18 -4.42 -15.49 -10.95
N TYR C 19 -3.55 -16.09 -11.77
CA TYR C 19 -3.53 -15.70 -13.18
C TYR C 19 -4.72 -16.28 -13.94
N ALA C 20 -5.37 -17.30 -13.40
CA ALA C 20 -6.59 -17.87 -13.98
C ALA C 20 -7.63 -17.91 -12.89
N TRP C 21 -8.31 -16.78 -12.68
CA TRP C 21 -9.33 -16.69 -11.65
C TRP C 21 -10.71 -17.00 -12.24
N ASN C 22 -11.61 -17.41 -11.38
CA ASN C 22 -12.90 -17.95 -11.80
C ASN C 22 -14.03 -16.97 -11.47
N ARG C 23 -14.32 -16.10 -12.43
CA ARG C 23 -15.41 -15.14 -12.28
C ARG C 23 -16.75 -15.87 -12.24
N LYS C 24 -17.42 -15.78 -11.11
CA LYS C 24 -18.68 -16.49 -10.91
C LYS C 24 -19.77 -15.48 -10.58
N ARG C 25 -20.80 -15.43 -11.41
CA ARG C 25 -21.95 -14.60 -11.12
C ARG C 25 -22.95 -15.38 -10.30
N ILE C 26 -23.72 -14.67 -9.48
CA ILE C 26 -24.88 -15.25 -8.80
C ILE C 26 -26.05 -14.30 -8.95
N SER C 27 -27.15 -14.81 -9.50
CA SER C 27 -28.34 -14.00 -9.74
C SER C 27 -29.56 -14.87 -9.50
N ASN C 28 -30.74 -14.23 -9.56
CA ASN C 28 -32.06 -14.87 -9.39
C ASN C 28 -32.20 -15.56 -8.04
N CYS C 29 -31.76 -14.89 -6.98
CA CYS C 29 -31.76 -15.52 -5.66
C CYS C 29 -31.86 -14.46 -4.59
N VAL C 30 -32.26 -14.89 -3.39
CA VAL C 30 -32.21 -14.02 -2.22
C VAL C 30 -30.82 -14.14 -1.58
N ALA C 31 -30.03 -13.08 -1.70
CA ALA C 31 -28.69 -13.08 -1.18
C ALA C 31 -28.75 -12.82 0.32
N ASP C 32 -28.01 -13.63 1.09
CA ASP C 32 -28.12 -13.56 2.54
C ASP C 32 -27.41 -12.34 3.10
N TYR C 33 -26.10 -12.24 2.83
CA TYR C 33 -25.18 -11.20 3.28
C TYR C 33 -24.99 -11.14 4.80
N SER C 34 -25.63 -12.01 5.56
CA SER C 34 -25.54 -11.99 7.01
C SER C 34 -24.68 -13.10 7.57
N VAL C 35 -24.12 -13.95 6.70
CA VAL C 35 -23.16 -14.95 7.10
C VAL C 35 -21.74 -14.50 6.76
N LEU C 36 -21.58 -13.48 5.92
CA LEU C 36 -20.26 -12.94 5.63
C LEU C 36 -19.71 -12.16 6.80
N TYR C 37 -20.48 -11.22 7.35
CA TYR C 37 -20.08 -10.63 8.62
C TYR C 37 -20.60 -11.50 9.76
N ASN C 38 -20.55 -10.96 10.98
CA ASN C 38 -20.76 -11.66 12.28
C ASN C 38 -20.03 -13.00 12.36
N SER C 39 -18.85 -13.07 11.75
CA SER C 39 -18.00 -14.25 11.75
C SER C 39 -16.55 -13.78 11.88
N ALA C 40 -15.86 -14.26 12.90
CA ALA C 40 -14.49 -13.84 13.17
C ALA C 40 -13.47 -14.66 12.42
N SER C 41 -13.88 -15.43 11.42
CA SER C 41 -12.97 -16.30 10.71
C SER C 41 -12.26 -15.62 9.54
N PHE C 42 -12.34 -14.31 9.43
CA PHE C 42 -11.69 -13.60 8.33
C PHE C 42 -10.50 -12.79 8.85
N SER C 43 -9.42 -12.82 8.09
CA SER C 43 -8.27 -11.98 8.42
C SER C 43 -8.53 -10.53 8.01
N THR C 44 -8.92 -10.32 6.75
CA THR C 44 -9.28 -9.01 6.24
C THR C 44 -10.69 -9.04 5.69
N PHE C 45 -11.48 -8.03 6.05
CA PHE C 45 -12.85 -7.85 5.53
C PHE C 45 -12.99 -6.36 5.29
N LYS C 46 -12.74 -5.94 4.05
CA LYS C 46 -12.62 -4.53 3.71
C LYS C 46 -13.59 -4.23 2.57
N CYS C 47 -14.68 -3.53 2.87
CA CYS C 47 -15.70 -3.28 1.87
C CYS C 47 -15.74 -1.78 1.57
N TYR C 48 -15.66 -1.43 0.29
CA TYR C 48 -15.22 -0.10 -0.12
C TYR C 48 -16.35 0.85 -0.45
N GLY C 49 -17.16 0.52 -1.46
CA GLY C 49 -18.18 1.45 -1.90
C GLY C 49 -19.41 1.46 -1.01
N VAL C 50 -20.11 0.35 -0.97
CA VAL C 50 -21.29 0.20 -0.12
C VAL C 50 -20.86 -0.45 1.18
N SER C 51 -21.60 -0.17 2.23
CA SER C 51 -21.17 -0.66 3.53
C SER C 51 -21.84 -1.99 3.85
N PRO C 52 -21.22 -2.81 4.67
CA PRO C 52 -21.95 -3.93 5.28
C PRO C 52 -22.96 -3.41 6.28
N THR C 53 -23.92 -4.28 6.61
CA THR C 53 -25.15 -3.97 7.37
C THR C 53 -25.97 -2.85 6.73
N LYS C 54 -25.81 -2.68 5.42
CA LYS C 54 -26.66 -1.79 4.63
C LYS C 54 -27.02 -2.38 3.27
N LEU C 55 -26.32 -3.40 2.80
CA LEU C 55 -26.47 -3.88 1.43
C LEU C 55 -27.62 -4.87 1.29
N ASN C 56 -28.77 -4.50 1.83
CA ASN C 56 -30.03 -5.17 1.56
C ASN C 56 -30.89 -4.35 0.61
N ASP C 57 -30.26 -3.69 -0.36
CA ASP C 57 -30.94 -3.07 -1.47
C ASP C 57 -30.88 -4.00 -2.68
N LEU C 58 -31.41 -3.55 -3.82
CA LEU C 58 -31.68 -4.47 -4.94
C LEU C 58 -30.40 -4.65 -5.75
N CYS C 59 -29.53 -5.51 -5.26
CA CYS C 59 -28.47 -6.11 -6.06
C CYS C 59 -28.73 -7.61 -6.06
N PHE C 60 -29.66 -8.03 -6.90
CA PHE C 60 -29.95 -9.43 -7.12
C PHE C 60 -29.71 -9.80 -8.58
N THR C 61 -29.36 -8.83 -9.41
CA THR C 61 -28.88 -9.06 -10.77
C THR C 61 -27.38 -8.86 -10.81
N ASN C 62 -26.65 -9.95 -11.07
CA ASN C 62 -25.21 -9.98 -11.31
C ASN C 62 -24.42 -9.42 -10.13
N VAL C 63 -24.50 -10.14 -9.03
CA VAL C 63 -23.48 -10.07 -7.99
C VAL C 63 -22.40 -11.08 -8.35
N TYR C 64 -21.14 -10.66 -8.38
CA TYR C 64 -20.06 -11.55 -8.75
C TYR C 64 -19.19 -11.86 -7.54
N ALA C 65 -18.35 -12.89 -7.67
CA ALA C 65 -17.46 -13.32 -6.60
C ALA C 65 -16.22 -13.92 -7.23
N ASP C 66 -15.14 -13.13 -7.26
CA ASP C 66 -13.89 -13.55 -7.88
C ASP C 66 -12.99 -14.15 -6.82
N SER C 67 -12.59 -15.40 -7.00
CA SER C 67 -11.80 -16.11 -6.01
C SER C 67 -10.45 -16.50 -6.59
N PHE C 68 -9.41 -16.35 -5.78
CA PHE C 68 -8.08 -16.84 -6.12
C PHE C 68 -7.32 -17.06 -4.83
N VAL C 69 -6.08 -17.53 -4.95
CA VAL C 69 -5.19 -17.70 -3.81
C VAL C 69 -3.89 -16.96 -4.10
N ILE C 70 -3.44 -16.16 -3.12
CA ILE C 70 -2.20 -15.40 -3.23
C ILE C 70 -1.47 -15.50 -1.91
N ARG C 71 -0.21 -15.05 -1.90
CA ARG C 71 0.57 -15.09 -0.68
C ARG C 71 0.12 -13.98 0.26
N GLY C 72 0.62 -14.05 1.51
CA GLY C 72 -0.01 -13.31 2.59
C GLY C 72 0.18 -11.81 2.50
N ASP C 73 1.39 -11.36 2.18
CA ASP C 73 1.66 -9.94 2.09
C ASP C 73 1.25 -9.35 0.75
N GLU C 74 0.75 -10.16 -0.18
CA GLU C 74 0.21 -9.66 -1.43
C GLU C 74 -1.28 -9.43 -1.37
N VAL C 75 -1.87 -9.51 -0.17
CA VAL C 75 -3.26 -9.15 0.04
C VAL C 75 -3.44 -7.65 -0.13
N ARG C 76 -2.41 -6.88 0.15
CA ARG C 76 -2.44 -5.43 0.05
C ARG C 76 -2.51 -4.92 -1.39
N GLN C 77 -2.42 -5.77 -2.39
CA GLN C 77 -2.53 -5.35 -3.78
C GLN C 77 -3.93 -5.55 -4.35
N ILE C 78 -4.92 -5.84 -3.50
CA ILE C 78 -6.28 -6.07 -3.96
C ILE C 78 -7.13 -4.91 -3.47
N ALA C 79 -6.52 -3.75 -3.37
CA ALA C 79 -7.21 -2.50 -3.06
C ALA C 79 -7.26 -1.63 -4.32
N PRO C 80 -8.13 -0.62 -4.37
CA PRO C 80 -8.10 0.32 -5.50
C PRO C 80 -6.81 1.12 -5.52
N GLY C 81 -6.17 1.17 -6.68
CA GLY C 81 -4.80 1.63 -6.77
C GLY C 81 -3.91 0.45 -6.44
N GLN C 82 -2.81 0.72 -5.71
CA GLN C 82 -1.95 -0.30 -5.09
C GLN C 82 -1.36 -1.26 -6.13
N THR C 83 -0.51 -0.68 -6.97
CA THR C 83 0.14 -1.45 -8.03
C THR C 83 1.18 -2.40 -7.45
N GLY C 84 1.61 -3.36 -8.27
CA GLY C 84 2.57 -4.36 -7.87
C GLY C 84 2.86 -5.36 -8.98
N LYS C 85 3.02 -6.63 -8.63
CA LYS C 85 3.10 -7.69 -9.64
C LYS C 85 1.91 -8.62 -9.57
N ILE C 86 0.95 -8.37 -8.69
CA ILE C 86 -0.35 -9.02 -8.72
C ILE C 86 -1.40 -8.11 -9.33
N ALA C 87 -1.45 -6.86 -8.90
CA ALA C 87 -2.41 -5.91 -9.44
C ALA C 87 -2.01 -5.33 -10.79
N ASP C 88 -0.96 -5.84 -11.42
CA ASP C 88 -0.58 -5.41 -12.75
C ASP C 88 -0.65 -6.51 -13.79
N TYR C 89 -0.22 -7.72 -13.44
CA TYR C 89 -0.18 -8.81 -14.40
C TYR C 89 -1.14 -9.94 -14.10
N ASN C 90 -1.75 -9.96 -12.92
CA ASN C 90 -2.60 -11.08 -12.53
C ASN C 90 -4.05 -10.69 -12.33
N TYR C 91 -4.35 -9.71 -11.47
CA TYR C 91 -5.73 -9.36 -11.18
C TYR C 91 -5.79 -7.90 -10.75
N LYS C 92 -6.31 -7.03 -11.61
CA LYS C 92 -6.42 -5.61 -11.29
C LYS C 92 -7.88 -5.22 -11.15
N LEU C 93 -8.29 -4.93 -9.94
CA LEU C 93 -9.62 -4.39 -9.71
C LEU C 93 -9.58 -2.87 -9.85
N PRO C 94 -10.64 -2.24 -10.37
CA PRO C 94 -10.53 -0.84 -10.79
C PRO C 94 -10.47 0.13 -9.62
N ASP C 95 -10.37 1.42 -9.98
CA ASP C 95 -10.24 2.46 -8.97
C ASP C 95 -11.58 2.78 -8.32
N ASP C 96 -12.63 2.93 -9.13
CA ASP C 96 -13.97 3.17 -8.62
C ASP C 96 -14.60 1.82 -8.29
N PHE C 97 -14.34 1.33 -7.09
CA PHE C 97 -14.72 0.00 -6.68
C PHE C 97 -15.80 0.06 -5.62
N THR C 98 -16.70 -0.93 -5.63
CA THR C 98 -17.84 -0.96 -4.73
C THR C 98 -17.99 -2.25 -3.95
N GLY C 99 -17.32 -3.33 -4.34
CA GLY C 99 -17.45 -4.59 -3.66
C GLY C 99 -16.69 -4.62 -2.33
N CYS C 100 -16.57 -5.82 -1.78
CA CYS C 100 -15.83 -6.05 -0.55
C CYS C 100 -14.68 -6.98 -0.83
N VAL C 101 -13.58 -6.82 -0.09
CA VAL C 101 -12.41 -7.69 -0.21
C VAL C 101 -12.36 -8.58 1.02
N ILE C 102 -12.42 -9.90 0.80
CA ILE C 102 -12.50 -10.88 1.87
C ILE C 102 -11.34 -11.85 1.71
N ALA C 103 -10.60 -12.07 2.80
CA ALA C 103 -9.41 -12.91 2.74
C ALA C 103 -9.16 -13.57 4.08
N TRP C 104 -9.06 -14.90 4.08
CA TRP C 104 -8.78 -15.66 5.28
C TRP C 104 -7.57 -16.55 5.02
N ASN C 105 -6.97 -17.00 6.11
CA ASN C 105 -5.78 -17.85 6.02
C ASN C 105 -6.14 -19.24 5.54
N SER C 106 -5.22 -19.87 4.81
CA SER C 106 -5.39 -21.23 4.35
C SER C 106 -4.09 -22.01 4.49
N ASN C 107 -3.45 -21.89 5.65
CA ASN C 107 -2.16 -22.53 5.85
C ASN C 107 -2.30 -24.04 5.96
N ASN C 108 -3.38 -24.52 6.56
CA ASN C 108 -3.52 -25.95 6.78
C ASN C 108 -4.07 -26.65 5.53
N LEU C 109 -4.59 -25.88 4.58
CA LEU C 109 -5.19 -26.48 3.40
C LEU C 109 -4.22 -26.54 2.22
N ASP C 110 -3.52 -25.44 1.96
CA ASP C 110 -2.80 -25.26 0.70
C ASP C 110 -1.29 -25.35 0.85
N SER C 111 -0.79 -26.04 1.85
CA SER C 111 0.65 -26.13 2.09
C SER C 111 1.12 -27.57 2.00
N LYS C 112 2.20 -27.79 1.28
CA LYS C 112 2.89 -29.07 1.23
C LYS C 112 4.33 -28.87 1.66
N VAL C 113 4.95 -29.93 2.20
CA VAL C 113 6.32 -29.82 2.69
C VAL C 113 7.28 -29.65 1.52
N GLY C 114 7.07 -30.40 0.44
CA GLY C 114 7.88 -30.19 -0.76
C GLY C 114 7.52 -28.92 -1.50
N GLY C 115 6.23 -28.62 -1.60
CA GLY C 115 5.80 -27.39 -2.22
C GLY C 115 4.76 -27.54 -3.30
N ASN C 116 3.62 -26.89 -3.13
CA ASN C 116 2.55 -26.85 -4.13
C ASN C 116 3.01 -26.06 -5.34
N HIS C 117 3.13 -26.72 -6.48
CA HIS C 117 3.40 -26.03 -7.73
C HIS C 117 2.16 -25.91 -8.61
N ASN C 118 0.99 -26.24 -8.08
CA ASN C 118 -0.24 -26.04 -8.85
C ASN C 118 -0.67 -24.58 -8.82
N TYR C 119 -0.31 -23.85 -7.75
CA TYR C 119 -0.61 -22.43 -7.68
C TYR C 119 0.47 -21.65 -8.39
N LEU C 120 0.06 -20.59 -9.10
CA LEU C 120 0.97 -19.85 -9.95
C LEU C 120 0.66 -18.36 -9.82
N TYR C 121 1.52 -17.54 -10.42
CA TYR C 121 1.23 -16.13 -10.64
C TYR C 121 2.00 -15.67 -11.86
N ARG C 122 1.36 -14.88 -12.70
CA ARG C 122 1.95 -14.48 -13.97
C ARG C 122 2.92 -13.34 -13.70
N LEU C 123 4.20 -13.58 -13.97
CA LEU C 123 5.24 -12.63 -13.62
C LEU C 123 5.54 -11.68 -14.76
N PHE C 124 5.47 -12.17 -16.00
CA PHE C 124 5.90 -11.39 -17.16
C PHE C 124 4.71 -11.19 -18.10
N ARG C 125 4.25 -9.94 -18.19
CA ARG C 125 3.22 -9.60 -19.15
C ARG C 125 3.66 -8.36 -19.91
N LYS C 126 3.23 -8.27 -21.17
CA LYS C 126 3.67 -7.19 -22.03
C LYS C 126 3.16 -5.83 -21.55
N SER C 127 1.87 -5.74 -21.25
CA SER C 127 1.27 -4.51 -20.75
C SER C 127 0.52 -4.83 -19.46
N ASN C 128 0.10 -3.77 -18.77
CA ASN C 128 -0.62 -3.94 -17.52
C ASN C 128 -2.05 -4.42 -17.79
N LEU C 129 -2.61 -5.12 -16.82
CA LEU C 129 -3.94 -5.69 -17.00
C LEU C 129 -5.01 -4.64 -16.79
N LYS C 130 -6.04 -4.71 -17.61
CA LYS C 130 -7.17 -3.79 -17.50
C LYS C 130 -8.05 -4.21 -16.33
N PRO C 131 -8.90 -3.29 -15.82
CA PRO C 131 -9.87 -3.66 -14.78
C PRO C 131 -10.78 -4.81 -15.17
N PHE C 132 -10.64 -5.92 -14.43
CA PHE C 132 -11.39 -7.16 -14.64
C PHE C 132 -11.16 -7.73 -16.04
N GLU C 133 -9.92 -8.06 -16.33
CA GLU C 133 -9.56 -8.78 -17.55
C GLU C 133 -8.52 -9.84 -17.22
N ARG C 134 -8.73 -11.05 -17.72
CA ARG C 134 -7.93 -12.20 -17.36
C ARG C 134 -7.04 -12.58 -18.53
N ASP C 135 -5.88 -13.18 -18.24
CA ASP C 135 -4.99 -13.72 -19.25
C ASP C 135 -4.44 -15.05 -18.75
N ILE C 136 -4.57 -16.09 -19.58
CA ILE C 136 -4.17 -17.44 -19.23
C ILE C 136 -3.13 -18.01 -20.17
N SER C 137 -2.63 -17.22 -21.11
CA SER C 137 -1.74 -17.72 -22.15
C SER C 137 -0.37 -18.05 -21.59
N THR C 138 0.32 -18.96 -22.26
CA THR C 138 1.70 -19.31 -21.95
C THR C 138 2.56 -18.98 -23.16
N GLU C 139 3.18 -17.80 -23.14
CA GLU C 139 3.98 -17.32 -24.25
C GLU C 139 5.33 -16.87 -23.70
N ILE C 140 6.40 -17.22 -24.41
CA ILE C 140 7.74 -16.88 -23.95
C ILE C 140 7.96 -15.38 -24.14
N TYR C 141 8.52 -14.74 -23.10
CA TYR C 141 8.33 -13.30 -22.92
C TYR C 141 9.13 -12.47 -23.92
N GLN C 142 10.37 -12.88 -24.22
CA GLN C 142 11.31 -12.15 -25.09
C GLN C 142 11.56 -10.73 -24.58
N ALA C 143 12.22 -10.65 -23.41
CA ALA C 143 12.30 -9.39 -22.67
C ALA C 143 13.14 -8.35 -23.41
N GLY C 144 14.40 -8.66 -23.70
CA GLY C 144 15.30 -7.65 -24.23
C GLY C 144 15.88 -7.92 -25.59
N SER C 145 15.95 -9.20 -25.98
CA SER C 145 16.62 -9.56 -27.22
C SER C 145 15.69 -9.44 -28.40
N THR C 146 16.23 -9.75 -29.58
CA THR C 146 15.38 -10.00 -30.74
C THR C 146 14.55 -11.24 -30.48
N PRO C 147 13.22 -11.18 -30.66
CA PRO C 147 12.36 -12.28 -30.24
C PRO C 147 12.52 -13.53 -31.10
N CYS C 148 12.14 -14.66 -30.52
CA CYS C 148 12.25 -15.95 -31.18
C CYS C 148 10.98 -16.76 -30.95
N ASN C 149 10.99 -18.00 -31.45
CA ASN C 149 9.82 -18.86 -31.33
C ASN C 149 9.61 -19.34 -29.91
N GLY C 150 10.69 -19.38 -29.12
CA GLY C 150 10.60 -19.78 -27.72
C GLY C 150 11.28 -21.09 -27.44
N VAL C 151 12.51 -21.01 -26.93
CA VAL C 151 13.30 -22.17 -26.57
C VAL C 151 13.59 -22.20 -25.06
N LYS C 152 13.23 -21.12 -24.35
CA LYS C 152 13.49 -20.93 -22.91
C LYS C 152 14.98 -21.00 -22.60
N GLY C 153 15.78 -20.27 -23.37
CA GLY C 153 17.21 -20.26 -23.16
C GLY C 153 17.68 -19.03 -22.40
N PHE C 154 18.53 -18.23 -23.04
CA PHE C 154 19.03 -16.99 -22.47
C PHE C 154 18.07 -15.86 -22.83
N ASN C 155 17.69 -15.08 -21.82
CA ASN C 155 16.74 -13.97 -21.93
C ASN C 155 15.41 -14.42 -22.53
N CYS C 156 14.93 -15.60 -22.10
CA CYS C 156 13.69 -16.17 -22.57
C CYS C 156 12.99 -16.80 -21.37
N TYR C 157 12.03 -16.09 -20.81
CA TYR C 157 11.49 -16.42 -19.50
C TYR C 157 10.12 -17.05 -19.62
N PHE C 158 9.86 -18.03 -18.75
CA PHE C 158 8.58 -18.68 -18.69
C PHE C 158 7.56 -17.73 -18.05
N PRO C 159 6.37 -17.57 -18.64
CA PRO C 159 5.51 -16.45 -18.24
C PRO C 159 4.74 -16.69 -16.95
N LEU C 160 4.89 -17.85 -16.33
CA LEU C 160 4.27 -18.14 -15.05
C LEU C 160 5.34 -18.53 -14.06
N GLN C 161 5.05 -18.36 -12.78
CA GLN C 161 5.94 -18.86 -11.74
C GLN C 161 5.10 -19.31 -10.56
N SER C 162 5.52 -20.42 -9.95
CA SER C 162 4.80 -21.01 -8.83
C SER C 162 5.11 -20.26 -7.56
N TYR C 163 4.32 -20.51 -6.53
CA TYR C 163 4.62 -19.97 -5.21
C TYR C 163 5.53 -20.91 -4.43
N GLY C 164 5.20 -22.20 -4.44
CA GLY C 164 5.94 -23.14 -3.61
C GLY C 164 5.62 -22.98 -2.14
N PHE C 165 4.35 -23.13 -1.76
CA PHE C 165 3.95 -22.91 -0.39
C PHE C 165 4.45 -24.03 0.51
N GLN C 166 4.63 -23.73 1.78
CA GLN C 166 5.25 -24.61 2.75
C GLN C 166 4.61 -24.33 4.10
N PRO C 167 4.51 -25.33 4.98
CA PRO C 167 3.87 -25.07 6.29
C PRO C 167 4.61 -24.10 7.19
N THR C 168 5.93 -24.18 7.26
CA THR C 168 6.66 -23.40 8.26
C THR C 168 7.18 -22.08 7.69
N TYR C 169 6.47 -21.49 6.73
CA TYR C 169 6.85 -20.17 6.24
C TYR C 169 6.44 -19.09 7.22
N GLY C 170 6.84 -17.86 6.90
CA GLY C 170 6.37 -16.72 7.66
C GLY C 170 4.92 -16.41 7.35
N VAL C 171 4.33 -15.57 8.20
CA VAL C 171 2.92 -15.23 8.07
C VAL C 171 2.70 -14.36 6.84
N GLY C 172 3.74 -13.68 6.36
CA GLY C 172 3.63 -12.95 5.11
C GLY C 172 3.71 -13.85 3.90
N TYR C 173 4.23 -15.06 4.06
CA TYR C 173 4.38 -15.97 2.94
C TYR C 173 3.40 -17.14 2.98
N GLN C 174 2.55 -17.22 3.99
CA GLN C 174 1.58 -18.29 4.07
C GLN C 174 0.45 -18.04 3.07
N PRO C 175 -0.15 -19.08 2.50
CA PRO C 175 -1.15 -18.87 1.45
C PRO C 175 -2.47 -18.34 2.00
N TYR C 176 -2.96 -17.27 1.38
CA TYR C 176 -4.22 -16.64 1.73
C TYR C 176 -5.18 -16.80 0.56
N ARG C 177 -6.45 -17.09 0.87
CA ARG C 177 -7.48 -17.23 -0.14
C ARG C 177 -8.34 -15.99 -0.15
N VAL C 178 -8.47 -15.35 -1.30
CA VAL C 178 -9.12 -14.06 -1.43
C VAL C 178 -10.37 -14.24 -2.26
N VAL C 179 -11.48 -13.67 -1.80
CA VAL C 179 -12.74 -13.63 -2.55
C VAL C 179 -13.21 -12.19 -2.58
N VAL C 180 -13.43 -11.66 -3.79
CA VAL C 180 -13.72 -10.25 -4.00
C VAL C 180 -15.10 -10.13 -4.65
N LEU C 181 -16.04 -9.53 -3.94
CA LEU C 181 -17.39 -9.34 -4.45
C LEU C 181 -17.43 -8.12 -5.35
N SER C 182 -18.48 -8.02 -6.16
CA SER C 182 -18.67 -6.91 -7.09
C SER C 182 -20.13 -6.82 -7.48
N PHE C 183 -20.77 -5.70 -7.19
CA PHE C 183 -22.19 -5.51 -7.47
C PHE C 183 -22.36 -4.45 -8.56
N GLU C 184 -23.20 -4.75 -9.54
CA GLU C 184 -23.56 -3.77 -10.57
C GLU C 184 -24.94 -4.10 -11.10
N LEU C 185 -25.66 -3.05 -11.53
CA LEU C 185 -27.09 -3.15 -11.80
C LEU C 185 -27.41 -2.74 -13.23
N LEU C 186 -28.71 -2.69 -13.52
CA LEU C 186 -29.23 -2.14 -14.78
C LEU C 186 -30.48 -1.29 -14.50
C1 NAG D . -18.44 -22.65 5.30
C2 NAG D . -19.51 -21.61 5.66
C3 NAG D . -19.49 -21.34 7.17
C4 NAG D . -19.61 -22.64 7.96
C5 NAG D . -18.53 -23.62 7.51
C6 NAG D . -18.65 -24.98 8.16
C7 NAG D . -20.20 -19.80 4.13
C8 NAG D . -21.52 -20.51 4.00
N2 NAG D . -19.29 -20.38 4.93
O3 NAG D . -20.56 -20.47 7.50
O4 NAG D . -19.46 -22.36 9.34
O5 NAG D . -18.63 -23.83 6.10
O6 NAG D . -18.87 -26.00 7.19
O7 NAG D . -19.97 -18.75 3.54
C1 NAG D . -20.68 -22.61 10.08
C2 NAG D . -20.52 -22.05 11.48
C3 NAG D . -21.82 -22.25 12.28
C4 NAG D . -23.02 -21.70 11.53
C5 NAG D . -23.07 -22.29 10.13
C6 NAG D . -24.18 -21.70 9.28
C7 NAG D . -18.40 -21.94 12.72
C8 NAG D . -17.33 -22.73 13.39
N2 NAG D . -19.40 -22.66 12.18
O3 NAG D . -21.69 -21.61 13.54
O4 NAG D . -24.22 -22.01 12.22
O5 NAG D . -21.84 -22.04 9.43
O6 NAG D . -25.36 -21.49 10.05
O7 NAG D . -18.39 -20.72 12.66
#